data_7TV8
#
_entry.id   7TV8
#
_entity_poly.entity_id   1
_entity_poly.type   'polypeptide(L)'
_entity_poly.pdbx_seq_one_letter_code
;GL(XCP)RK(XCP)LCA(XCP)AK(B3K)K(DAL)KCK(DAL)A(XCP)KL(1VR)CKC(NH2)
;
_entity_poly.pdbx_strand_id   A
#
# COMPACT_ATOMS: atom_id res chain seq x y z
N GLY A 1 -3.77 13.60 1.67
CA GLY A 1 -2.48 12.95 1.34
C GLY A 1 -2.19 12.99 -0.15
N LEU A 2 -0.96 12.70 -0.52
CA LEU A 2 -0.56 12.71 -1.92
C LEU A 2 -1.04 11.45 -2.61
N ARG A 4 0.31 8.26 -4.93
CA ARG A 4 0.84 6.94 -4.64
C ARG A 4 0.89 6.68 -3.14
N LYS A 5 1.01 7.74 -2.35
CA LYS A 5 1.05 7.61 -0.90
C LYS A 5 -0.34 7.31 -0.37
N LEU A 7 -2.74 5.52 -2.81
CA LEU A 7 -2.65 4.12 -3.22
C LEU A 7 -2.00 3.26 -2.15
N CYS A 8 -0.97 3.80 -1.52
CA CYS A 8 -0.22 3.06 -0.49
C CYS A 8 -1.07 2.87 0.76
N ALA A 9 -1.70 3.95 1.20
CA ALA A 9 -2.56 3.90 2.38
C ALA A 9 -3.78 3.05 2.12
N ALA A 11 -3.35 0.03 -0.27
CA ALA A 11 -2.63 -1.22 -0.05
C ALA A 11 -2.66 -1.62 1.41
N LYS A 12 -2.30 -0.69 2.28
CA LYS A 12 -2.28 -0.95 3.72
C LYS A 12 -3.71 -1.21 4.20
N LYS A 14 -7.62 -1.99 1.56
CA LYS A 14 -8.41 -3.16 1.18
C LYS A 14 -7.91 -4.41 1.87
N LYS A 16 -4.74 -5.47 1.48
CA LYS A 16 -3.85 -6.10 0.50
C LYS A 16 -2.45 -6.30 1.07
N CYS A 17 -2.20 -5.66 2.21
CA CYS A 17 -0.94 -5.84 2.90
C CYS A 17 -0.90 -7.20 3.58
N LYS A 18 -0.58 -8.22 2.80
CA LYS A 18 -0.48 -9.57 3.32
C LYS A 18 0.96 -9.90 3.66
N ALA A 20 3.25 -9.48 1.65
CA ALA A 20 3.85 -9.78 0.36
C ALA A 20 4.29 -8.52 -0.36
N LYS A 22 5.87 -7.82 -4.36
CA LYS A 22 5.28 -7.47 -5.65
C LYS A 22 3.81 -7.10 -5.49
N LEU A 23 3.22 -7.52 -4.39
CA LEU A 23 1.83 -7.19 -4.10
C LEU A 23 1.75 -5.78 -3.55
N CYS A 25 4.56 -1.58 -0.91
CA CYS A 25 4.78 -0.15 -0.97
C CYS A 25 5.41 0.33 0.33
N LYS A 26 4.67 0.21 1.41
CA LYS A 26 5.11 0.66 2.72
C LYS A 26 4.32 -0.09 3.78
N CYS A 27 4.45 -1.40 3.76
CA CYS A 27 3.73 -2.26 4.69
C CYS A 27 4.32 -3.65 4.68
N GLY A 1 -3.51 13.73 0.81
CA GLY A 1 -4.25 12.92 -0.18
C GLY A 1 -3.56 12.91 -1.53
N LEU A 2 -2.35 12.37 -1.57
CA LEU A 2 -1.57 12.33 -2.81
C LEU A 2 -1.66 10.94 -3.41
N ARG A 4 0.66 7.54 -5.19
CA ARG A 4 1.22 6.32 -4.62
C ARG A 4 1.07 6.30 -3.10
N LYS A 5 1.02 7.48 -2.50
CA LYS A 5 0.90 7.59 -1.05
C LYS A 5 -0.49 7.20 -0.57
N LEU A 7 -2.60 5.02 -2.96
CA LEU A 7 -2.36 3.62 -3.25
C LEU A 7 -1.80 2.88 -2.02
N CYS A 8 -0.82 3.49 -1.38
CA CYS A 8 -0.14 2.88 -0.24
C CYS A 8 -1.07 2.81 0.97
N ALA A 9 -1.74 3.91 1.25
CA ALA A 9 -2.63 4.00 2.41
C ALA A 9 -3.88 3.14 2.23
N ALA A 11 -3.59 0.10 0.02
CA ALA A 11 -2.88 -1.14 0.28
C ALA A 11 -2.88 -1.47 1.76
N LYS A 12 -2.52 -0.49 2.58
CA LYS A 12 -2.53 -0.66 4.03
C LYS A 12 -3.91 -1.05 4.49
N LYS A 14 -7.83 -1.88 1.85
CA LYS A 14 -8.60 -3.02 1.37
C LYS A 14 -8.06 -4.31 1.97
N LYS A 16 -4.75 -5.17 1.44
CA LYS A 16 -3.82 -5.65 0.42
C LYS A 16 -2.46 -5.95 1.03
N CYS A 17 -2.27 -5.48 2.26
CA CYS A 17 -1.05 -5.73 3.00
C CYS A 17 -0.98 -7.19 3.43
N LYS A 18 -0.66 -8.07 2.48
CA LYS A 18 -0.53 -9.49 2.75
C LYS A 18 0.89 -9.79 3.22
N ALA A 20 3.28 -9.29 1.23
CA ALA A 20 3.92 -9.66 -0.01
C ALA A 20 4.51 -8.43 -0.70
N LYS A 22 6.00 -7.42 -4.64
CA LYS A 22 5.45 -6.79 -5.84
C LYS A 22 4.00 -6.39 -5.63
N LEU A 23 3.45 -6.76 -4.49
CA LEU A 23 2.09 -6.37 -4.15
C LEU A 23 2.11 -5.07 -3.36
N CYS A 25 4.95 -1.44 -0.13
CA CYS A 25 5.15 -0.01 -0.03
C CYS A 25 5.72 0.36 1.33
N LYS A 26 5.14 -0.19 2.38
CA LYS A 26 5.54 0.12 3.74
C LYS A 26 4.97 -0.92 4.70
N CYS A 27 3.71 -1.28 4.48
CA CYS A 27 3.06 -2.29 5.29
C CYS A 27 3.55 -3.68 4.86
N GLY A 1 -6.97 14.03 -3.75
CA GLY A 1 -5.81 14.47 -4.56
C GLY A 1 -4.49 13.98 -3.99
N LEU A 2 -4.52 12.80 -3.38
CA LEU A 2 -3.32 12.24 -2.75
C LEU A 2 -3.12 10.80 -3.23
N ARG A 4 -0.46 8.02 -5.36
CA ARG A 4 0.51 7.00 -5.01
C ARG A 4 0.54 6.79 -3.51
N LYS A 5 0.46 7.88 -2.77
CA LYS A 5 0.52 7.82 -1.32
C LYS A 5 -0.76 7.25 -0.74
N LEU A 7 -2.78 4.91 -3.03
CA LEU A 7 -2.35 3.56 -3.40
C LEU A 7 -1.64 2.85 -2.24
N CYS A 8 -0.69 3.54 -1.64
CA CYS A 8 0.11 2.97 -0.56
C CYS A 8 -0.70 2.77 0.72
N ALA A 9 -1.33 3.84 1.19
CA ALA A 9 -2.03 3.83 2.47
C ALA A 9 -3.29 2.98 2.40
N ALA A 11 -3.34 0.05 -0.15
CA ALA A 11 -2.63 -1.22 -0.07
C ALA A 11 -2.51 -1.68 1.38
N LYS A 12 -1.97 -0.81 2.23
CA LYS A 12 -1.80 -1.12 3.63
C LYS A 12 -3.12 -1.45 4.30
N LYS A 14 -7.41 -1.34 2.35
CA LYS A 14 -8.37 -2.24 1.75
C LYS A 14 -8.08 -3.67 2.18
N LYS A 16 -5.10 -5.18 1.20
CA LYS A 16 -4.34 -5.77 0.11
C LYS A 16 -2.95 -6.17 0.57
N CYS A 17 -2.56 -5.66 1.73
CA CYS A 17 -1.27 -6.00 2.31
C CYS A 17 -1.31 -7.40 2.92
N LYS A 18 -1.05 -8.39 2.08
CA LYS A 18 -0.94 -9.77 2.56
C LYS A 18 0.43 -10.02 3.18
N ALA A 20 3.15 -9.65 1.16
CA ALA A 20 3.97 -9.81 -0.03
C ALA A 20 4.54 -8.47 -0.49
N LYS A 22 6.70 -6.95 -3.85
CA LYS A 22 6.39 -6.27 -5.09
C LYS A 22 4.93 -5.85 -5.14
N LEU A 23 4.10 -6.50 -4.32
CA LEU A 23 2.71 -6.11 -4.21
C LEU A 23 2.60 -4.90 -3.30
N CYS A 25 4.45 -1.58 0.52
CA CYS A 25 4.79 -0.16 0.63
C CYS A 25 5.19 0.18 2.06
N LYS A 26 4.33 -0.15 3.01
CA LYS A 26 4.59 0.14 4.41
C LYS A 26 4.46 -1.11 5.26
N CYS A 27 4.49 -2.26 4.60
CA CYS A 27 4.30 -3.53 5.26
C CYS A 27 4.81 -4.66 4.38
N GLY A 1 -2.36 15.66 -0.85
CA GLY A 1 -2.39 14.18 -0.95
C GLY A 1 -1.78 13.68 -2.25
N LEU A 2 -0.94 12.66 -2.16
CA LEU A 2 -0.28 12.10 -3.33
C LEU A 2 -0.86 10.74 -3.67
N ARG A 4 0.54 7.54 -5.33
CA ARG A 4 1.33 6.42 -4.79
C ARG A 4 1.14 6.31 -3.28
N LYS A 5 1.10 7.44 -2.59
CA LYS A 5 0.94 7.44 -1.15
C LYS A 5 -0.49 7.08 -0.77
N LEU A 7 -2.28 4.66 -3.20
CA LEU A 7 -1.95 3.25 -3.32
C LEU A 7 -1.51 2.68 -1.98
N CYS A 8 -0.57 3.36 -1.33
CA CYS A 8 -0.04 2.93 -0.03
C CYS A 8 -1.13 2.88 1.03
N ALA A 9 -1.83 3.99 1.21
CA ALA A 9 -2.84 4.11 2.24
C ALA A 9 -4.04 3.20 1.97
N ALA A 11 -3.49 -0.19 -0.06
CA ALA A 11 -2.90 -1.45 0.33
C ALA A 11 -2.93 -1.65 1.83
N LYS A 12 -2.42 -0.66 2.56
CA LYS A 12 -2.38 -0.71 4.01
C LYS A 12 -3.79 -0.82 4.57
N LYS A 14 -7.73 -1.75 1.99
CA LYS A 14 -8.59 -2.90 1.75
C LYS A 14 -7.96 -4.19 2.25
N LYS A 16 -4.59 -5.28 1.83
CA LYS A 16 -3.80 -5.93 0.79
C LYS A 16 -2.39 -6.24 1.29
N CYS A 17 -2.15 -5.93 2.55
CA CYS A 17 -0.86 -6.19 3.16
C CYS A 17 -0.73 -7.66 3.57
N LYS A 18 -0.80 -8.53 2.57
CA LYS A 18 -0.70 -9.96 2.79
C LYS A 18 0.75 -10.41 2.69
N ALA A 20 2.74 -9.24 0.75
CA ALA A 20 3.08 -9.14 -0.66
C ALA A 20 3.92 -7.90 -0.94
N LYS A 22 5.83 -6.08 -4.53
CA LYS A 22 5.47 -5.02 -5.46
C LYS A 22 4.08 -4.49 -5.15
N LEU A 23 3.40 -5.13 -4.21
CA LEU A 23 2.10 -4.66 -3.78
C LEU A 23 2.28 -3.60 -2.71
N CYS A 25 4.79 -0.79 1.07
CA CYS A 25 4.93 0.60 1.49
C CYS A 25 5.22 0.68 2.98
N LYS A 26 4.23 0.33 3.80
CA LYS A 26 4.38 0.40 5.24
C LYS A 26 4.14 -0.96 5.90
N CYS A 27 3.80 -1.94 5.08
CA CYS A 27 3.52 -3.27 5.57
C CYS A 27 4.68 -4.21 5.27
N GLY A 1 0.25 14.36 1.20
CA GLY A 1 1.41 13.57 0.74
C GLY A 1 1.33 13.27 -0.74
N LEU A 2 1.92 12.15 -1.15
CA LEU A 2 1.89 11.77 -2.55
C LEU A 2 0.72 10.83 -2.81
N ARG A 4 -0.15 8.00 -5.37
CA ARG A 4 0.20 6.59 -5.40
C ARG A 4 0.50 6.08 -3.99
N LYS A 5 1.15 6.90 -3.18
CA LYS A 5 1.51 6.50 -1.83
C LYS A 5 0.30 6.56 -0.92
N LEU A 7 -2.83 5.53 -2.49
CA LEU A 7 -3.10 4.16 -2.89
C LEU A 7 -2.39 3.15 -1.99
N CYS A 8 -1.11 3.38 -1.72
CA CYS A 8 -0.34 2.49 -0.85
C CYS A 8 -0.97 2.42 0.54
N ALA A 9 -1.42 3.57 1.03
CA ALA A 9 -2.08 3.64 2.32
C ALA A 9 -3.43 2.92 2.30
N ALA A 11 -3.80 -0.03 0.00
CA ALA A 11 -3.23 -1.36 0.16
C ALA A 11 -3.03 -1.71 1.63
N LYS A 12 -2.44 -0.79 2.37
CA LYS A 12 -2.23 -0.94 3.81
C LYS A 12 -3.57 -1.25 4.48
N LYS A 14 -7.83 -1.70 2.18
CA LYS A 14 -8.72 -2.75 1.72
C LYS A 14 -8.17 -4.13 2.08
N LYS A 16 -5.04 -5.23 1.27
CA LYS A 16 -4.22 -5.77 0.19
C LYS A 16 -2.80 -6.04 0.67
N CYS A 17 -2.50 -5.58 1.87
CA CYS A 17 -1.21 -5.83 2.48
C CYS A 17 -1.15 -7.25 3.02
N LYS A 18 -0.96 -8.19 2.10
CA LYS A 18 -0.81 -9.60 2.45
C LYS A 18 0.51 -9.82 3.19
N ALA A 20 3.39 -9.52 1.29
CA ALA A 20 4.27 -9.67 0.15
C ALA A 20 4.81 -8.32 -0.32
N LYS A 22 6.72 -6.94 -3.93
CA LYS A 22 6.27 -6.31 -5.17
C LYS A 22 4.76 -6.04 -5.11
N LEU A 23 4.08 -6.64 -4.14
CA LEU A 23 2.68 -6.36 -3.93
C LEU A 23 2.54 -5.05 -3.18
N CYS A 25 4.69 -1.03 -0.19
CA CYS A 25 4.85 0.40 -0.39
C CYS A 25 4.77 1.15 0.94
N LYS A 26 3.63 1.01 1.61
CA LYS A 26 3.41 1.68 2.89
C LYS A 26 2.76 0.73 3.87
N CYS A 27 3.39 -0.41 4.07
CA CYS A 27 2.89 -1.41 4.99
C CYS A 27 4.01 -2.37 5.37
N GLY A 1 3.57 13.75 -6.15
CA GLY A 1 2.57 12.68 -6.38
C GLY A 1 2.30 11.86 -5.12
N LEU A 2 1.83 12.53 -4.07
CA LEU A 2 1.53 11.85 -2.82
C LEU A 2 0.39 10.86 -3.00
N ARG A 4 0.24 7.86 -5.16
CA ARG A 4 0.79 6.52 -4.99
C ARG A 4 0.91 6.17 -3.50
N LYS A 5 1.26 7.15 -2.68
CA LYS A 5 1.36 6.93 -1.25
C LYS A 5 -0.03 6.78 -0.65
N LEU A 7 -2.46 5.09 -2.80
CA LEU A 7 -2.42 3.67 -3.15
C LEU A 7 -1.86 2.85 -1.99
N CYS A 8 -0.73 3.28 -1.45
CA CYS A 8 -0.08 2.57 -0.35
C CYS A 8 -0.98 2.53 0.89
N ALA A 9 -1.58 3.67 1.20
CA ALA A 9 -2.43 3.79 2.39
C ALA A 9 -3.73 3.03 2.22
N ALA A 11 -3.69 -0.13 -0.03
CA ALA A 11 -3.09 -1.42 0.23
C ALA A 11 -3.07 -1.73 1.73
N LYS A 12 -2.58 -0.78 2.51
CA LYS A 12 -2.52 -0.92 3.96
C LYS A 12 -3.94 -1.07 4.51
N LYS A 14 -7.96 -1.70 2.01
CA LYS A 14 -8.88 -2.77 1.64
C LYS A 14 -8.36 -4.11 2.17
N LYS A 16 -5.23 -5.26 1.61
CA LYS A 16 -4.44 -5.86 0.54
C LYS A 16 -2.99 -6.03 0.97
N CYS A 17 -2.72 -5.68 2.22
CA CYS A 17 -1.39 -5.85 2.79
C CYS A 17 -1.17 -7.31 3.15
N LYS A 18 -0.74 -8.10 2.17
CA LYS A 18 -0.43 -9.50 2.39
C LYS A 18 1.02 -9.68 2.78
N ALA A 20 3.68 -9.34 1.24
CA ALA A 20 4.53 -9.53 0.07
C ALA A 20 4.88 -8.20 -0.59
N LYS A 22 6.38 -7.55 -4.14
CA LYS A 22 5.80 -7.46 -5.48
C LYS A 22 4.36 -6.96 -5.43
N LEU A 23 3.73 -7.05 -4.28
CA LEU A 23 2.36 -6.57 -4.11
C LEU A 23 2.38 -5.20 -3.44
N CYS A 25 4.91 -1.40 -0.21
CA CYS A 25 5.15 0.04 -0.15
C CYS A 25 5.56 0.43 1.26
N LYS A 26 4.74 0.07 2.24
CA LYS A 26 5.00 0.39 3.63
C LYS A 26 4.56 -0.76 4.53
N CYS A 27 3.31 -1.16 4.38
CA CYS A 27 2.78 -2.30 5.12
C CYS A 27 3.33 -3.59 4.53
N GLY A 1 1.10 16.30 -1.58
CA GLY A 1 1.41 15.55 -2.82
C GLY A 1 1.89 14.15 -2.54
N LEU A 2 1.00 13.28 -2.08
CA LEU A 2 1.37 11.92 -1.75
C LEU A 2 0.36 10.91 -2.31
N ARG A 4 0.53 8.03 -5.01
CA ARG A 4 0.97 6.65 -4.95
C ARG A 4 1.01 6.14 -3.52
N LYS A 5 1.46 6.97 -2.59
CA LYS A 5 1.53 6.57 -1.19
C LYS A 5 0.14 6.53 -0.57
N LEU A 7 -2.57 5.29 -2.84
CA LEU A 7 -2.64 3.91 -3.30
C LEU A 7 -2.09 2.94 -2.24
N CYS A 8 -0.89 3.22 -1.75
CA CYS A 8 -0.25 2.36 -0.76
C CYS A 8 -1.05 2.31 0.53
N ALA A 9 -1.61 3.44 0.92
CA ALA A 9 -2.36 3.55 2.17
C ALA A 9 -3.70 2.86 2.09
N ALA A 11 -3.97 -0.23 -0.41
CA ALA A 11 -3.40 -1.55 -0.25
C ALA A 11 -3.19 -1.90 1.22
N LYS A 12 -2.58 -0.98 1.96
CA LYS A 12 -2.31 -1.18 3.38
C LYS A 12 -3.63 -1.27 4.15
N LYS A 14 -7.84 -1.94 2.22
CA LYS A 14 -8.74 -3.06 1.99
C LYS A 14 -8.16 -4.36 2.55
N LYS A 16 -5.06 -5.53 1.66
CA LYS A 16 -4.34 -6.18 0.58
C LYS A 16 -2.88 -6.41 0.96
N CYS A 17 -2.40 -5.61 1.89
CA CYS A 17 -1.01 -5.73 2.35
C CYS A 17 -0.86 -6.94 3.24
N LYS A 18 -0.78 -8.11 2.62
CA LYS A 18 -0.56 -9.34 3.35
C LYS A 18 0.90 -9.73 3.29
N ALA A 20 2.83 -8.75 1.18
CA ALA A 20 3.14 -8.91 -0.23
C ALA A 20 4.03 -7.78 -0.71
N LYS A 22 6.11 -6.68 -4.32
CA LYS A 22 5.85 -5.80 -5.45
C LYS A 22 4.53 -5.06 -5.27
N LEU A 23 3.66 -5.61 -4.44
CA LEU A 23 2.37 -4.99 -4.18
C LEU A 23 2.55 -3.81 -3.25
N CYS A 25 5.03 -0.73 0.28
CA CYS A 25 5.31 0.67 0.50
C CYS A 25 5.71 0.90 1.95
N LYS A 26 4.75 0.72 2.86
CA LYS A 26 4.99 0.93 4.28
C LYS A 26 4.10 0.02 5.13
N CYS A 27 4.30 -1.29 5.00
CA CYS A 27 3.56 -2.25 5.80
C CYS A 27 4.17 -3.64 5.65
N GLY A 1 -3.75 14.44 1.02
CA GLY A 1 -2.34 14.01 0.82
C GLY A 1 -2.01 13.81 -0.64
N LEU A 2 -1.15 12.84 -0.93
CA LEU A 2 -0.75 12.55 -2.30
C LEU A 2 -1.36 11.23 -2.74
N ARG A 4 -0.03 7.97 -5.22
CA ARG A 4 0.66 6.74 -4.91
C ARG A 4 0.77 6.54 -3.40
N LYS A 5 0.86 7.63 -2.66
CA LYS A 5 0.96 7.56 -1.22
C LYS A 5 -0.33 7.05 -0.62
N LEU A 7 -2.61 4.96 -2.94
CA LEU A 7 -2.33 3.59 -3.35
C LEU A 7 -1.71 2.79 -2.20
N CYS A 8 -0.64 3.32 -1.62
CA CYS A 8 0.07 2.65 -0.54
C CYS A 8 -0.78 2.54 0.72
N ALA A 9 -1.28 3.68 1.19
CA ALA A 9 -2.02 3.73 2.44
C ALA A 9 -3.37 3.04 2.33
N ALA A 11 -3.60 -0.04 -0.18
CA ALA A 11 -3.04 -1.37 -0.01
C ALA A 11 -2.94 -1.74 1.47
N LYS A 12 -2.37 -0.84 2.25
CA LYS A 12 -2.23 -1.06 3.69
C LYS A 12 -3.60 -1.20 4.31
N LYS A 14 -7.81 -1.52 2.11
CA LYS A 14 -8.74 -2.58 1.74
C LYS A 14 -8.36 -3.89 2.42
N LYS A 16 -5.49 -5.52 1.62
CA LYS A 16 -4.83 -6.36 0.63
C LYS A 16 -3.32 -6.40 0.85
N CYS A 17 -2.88 -5.81 1.95
CA CYS A 17 -1.48 -5.88 2.32
C CYS A 17 -1.17 -7.25 2.91
N LYS A 18 -0.98 -8.20 2.02
CA LYS A 18 -0.69 -9.59 2.40
C LYS A 18 0.67 -9.68 3.09
N ALA A 20 3.57 -9.42 1.19
CA ALA A 20 4.47 -9.59 0.07
C ALA A 20 4.94 -8.27 -0.50
N LYS A 22 6.62 -7.49 -4.13
CA LYS A 22 6.09 -7.21 -5.45
C LYS A 22 4.71 -6.58 -5.36
N LEU A 23 4.03 -6.77 -4.24
CA LEU A 23 2.70 -6.23 -4.06
C LEU A 23 2.74 -4.92 -3.27
N CYS A 25 4.76 -1.32 0.18
CA CYS A 25 5.04 0.10 0.20
C CYS A 25 5.15 0.63 1.62
N LYS A 26 4.07 0.55 2.39
CA LYS A 26 4.05 1.12 3.72
C LYS A 26 3.41 0.17 4.74
N CYS A 27 3.68 -1.11 4.58
CA CYS A 27 3.21 -2.10 5.53
C CYS A 27 4.04 -3.37 5.41
N GLY A 1 -5.72 13.16 -1.05
CA GLY A 1 -4.49 13.98 -1.14
C GLY A 1 -3.60 13.54 -2.29
N LEU A 2 -2.56 12.77 -1.98
CA LEU A 2 -1.62 12.32 -3.00
C LEU A 2 -1.92 10.88 -3.40
N ARG A 4 0.09 7.57 -5.44
CA ARG A 4 0.87 6.43 -4.98
C ARG A 4 0.85 6.33 -3.46
N LYS A 5 0.83 7.47 -2.79
CA LYS A 5 0.81 7.50 -1.34
C LYS A 5 -0.53 7.05 -0.80
N LEU A 7 -2.48 4.61 -3.07
CA LEU A 7 -2.08 3.23 -3.30
C LEU A 7 -1.51 2.60 -2.03
N CYS A 8 -0.55 3.30 -1.43
CA CYS A 8 0.13 2.83 -0.23
C CYS A 8 -0.84 2.71 0.95
N ALA A 9 -1.45 3.83 1.29
CA ALA A 9 -2.31 3.90 2.47
C ALA A 9 -3.56 3.06 2.32
N ALA A 11 -3.49 -0.21 -0.10
CA ALA A 11 -2.89 -1.51 0.07
C ALA A 11 -2.69 -1.85 1.54
N LYS A 12 -2.13 -0.92 2.30
CA LYS A 12 -1.91 -1.14 3.73
C LYS A 12 -3.25 -1.29 4.43
N LYS A 14 -7.69 -1.45 2.43
CA LYS A 14 -8.71 -2.43 2.11
C LYS A 14 -8.25 -3.83 2.51
N LYS A 16 -5.28 -5.25 1.34
CA LYS A 16 -4.59 -5.89 0.23
C LYS A 16 -3.15 -6.23 0.60
N CYS A 17 -2.75 -5.81 1.79
CA CYS A 17 -1.42 -6.12 2.29
C CYS A 17 -1.38 -7.52 2.88
N LYS A 18 -1.07 -8.49 2.05
CA LYS A 18 -0.92 -9.88 2.49
C LYS A 18 0.53 -10.15 2.88
N ALA A 20 3.02 -9.10 0.99
CA ALA A 20 3.76 -9.24 -0.26
C ALA A 20 4.41 -7.93 -0.66
N LYS A 22 6.31 -6.58 -3.92
CA LYS A 22 5.95 -5.94 -5.17
C LYS A 22 4.54 -5.38 -5.12
N LEU A 23 3.77 -5.81 -4.12
CA LEU A 23 2.41 -5.31 -3.93
C LEU A 23 2.49 -4.09 -3.02
N CYS A 25 5.14 -0.85 0.57
CA CYS A 25 5.32 0.56 0.85
C CYS A 25 5.73 0.76 2.30
N LYS A 26 4.80 0.48 3.21
CA LYS A 26 5.05 0.60 4.64
C LYS A 26 4.02 -0.22 5.41
N CYS A 27 4.14 -1.53 5.32
CA CYS A 27 3.18 -2.42 5.91
C CYS A 27 3.90 -3.55 6.65
N GLY A 1 -2.48 12.91 3.51
CA GLY A 1 -1.70 12.09 2.55
C GLY A 1 -1.92 12.55 1.13
N LEU A 2 -0.98 12.23 0.25
CA LEU A 2 -1.08 12.61 -1.16
C LEU A 2 -1.55 11.43 -1.99
N ARG A 4 -0.36 8.46 -5.07
CA ARG A 4 0.14 7.09 -5.04
C ARG A 4 0.55 6.70 -3.63
N LYS A 5 0.87 7.69 -2.80
CA LYS A 5 1.23 7.41 -1.42
C LYS A 5 -0.01 7.05 -0.63
N LEU A 7 -2.74 5.48 -2.67
CA LEU A 7 -2.67 4.14 -3.23
C LEU A 7 -1.96 3.18 -2.27
N CYS A 8 -0.80 3.58 -1.78
CA CYS A 8 -0.02 2.77 -0.85
C CYS A 8 -0.74 2.57 0.48
N ALA A 9 -1.16 3.69 1.09
CA ALA A 9 -1.79 3.65 2.41
C ALA A 9 -3.14 2.95 2.35
N ALA A 11 -3.60 0.03 -0.40
CA ALA A 11 -3.08 -1.33 -0.36
C ALA A 11 -2.84 -1.78 1.07
N LYS A 12 -2.27 -0.89 1.87
CA LYS A 12 -2.05 -1.15 3.29
C LYS A 12 -3.39 -1.36 3.98
N LYS A 14 -7.57 -1.94 1.86
CA LYS A 14 -8.41 -3.08 1.48
C LYS A 14 -7.89 -4.36 2.11
N LYS A 16 -4.92 -5.67 1.32
CA LYS A 16 -4.13 -6.35 0.31
C LYS A 16 -2.71 -6.58 0.80
N CYS A 17 -2.31 -5.80 1.79
CA CYS A 17 -0.99 -5.94 2.38
C CYS A 17 -0.95 -7.17 3.29
N LYS A 18 -0.91 -8.35 2.68
CA LYS A 18 -0.79 -9.59 3.42
C LYS A 18 0.68 -9.94 3.59
N ALA A 20 2.82 -9.15 1.53
CA ALA A 20 3.31 -9.42 0.18
C ALA A 20 3.99 -8.19 -0.41
N LYS A 22 6.23 -7.36 -3.83
CA LYS A 22 5.96 -6.86 -5.17
C LYS A 22 4.61 -6.17 -5.23
N LEU A 23 3.64 -6.67 -4.47
CA LEU A 23 2.32 -6.08 -4.43
C LEU A 23 2.34 -4.80 -3.62
N CYS A 25 4.62 -1.19 -0.27
CA CYS A 25 4.92 0.23 -0.32
C CYS A 25 5.09 0.79 1.08
N LYS A 26 4.11 0.56 1.93
CA LYS A 26 4.14 1.07 3.29
C LYS A 26 3.97 -0.06 4.29
N CYS A 27 4.44 -1.24 3.90
CA CYS A 27 4.37 -2.42 4.74
C CYS A 27 5.02 -3.62 4.03
#